data_5DAH
#
_entry.id   5DAH
#
_cell.length_a   42.905
_cell.length_b   79.995
_cell.length_c   59.287
_cell.angle_alpha   90.00
_cell.angle_beta   102.01
_cell.angle_gamma   90.00
#
_symmetry.space_group_name_H-M   'P 1 21 1'
#
loop_
_entity.id
_entity.type
_entity.pdbx_description
1 polymer 'Protein AF-10'
2 polymer 'Histone H3 peptide'
3 non-polymer 'ZINC ION'
4 non-polymer 'SULFATE ION'
5 water water
#
loop_
_entity_poly.entity_id
_entity_poly.type
_entity_poly.pdbx_seq_one_letter_code
_entity_poly.pdbx_strand_id
1 'polypeptide(L)'
;MVSSDRPVSLEDEVSHSMKEMIGGCCVCSDERGWAENPLVYCDGHGCSVAVHQACYGIVQVPTGPWFCRKCESQERAARV
RCELCPHKDGALKRTDNGGWAHVVCALYIPEVQFANVSTMEPIVLQSVPHDRYNKTCYICDEQGRESKAATGACMTCNKH
GCRQAFHVTCAQFAGLLCEEEGNGADNVQYCGYCKYHFSKLKKSKRGS
;
A,B
2 'polypeptide(L)' QLATKAARKSA C,D
#
# COMPACT_ATOMS: atom_id res chain seq x y z
N MET A 21 3.53 -10.66 3.16
CA MET A 21 3.55 -9.22 2.91
C MET A 21 3.35 -8.40 4.19
N ILE A 22 2.87 -9.05 5.24
CA ILE A 22 2.88 -8.46 6.56
C ILE A 22 3.85 -9.24 7.47
N GLY A 23 4.56 -8.53 8.34
CA GLY A 23 5.55 -9.16 9.20
C GLY A 23 5.04 -10.04 10.32
N GLY A 24 4.36 -9.44 11.30
CA GLY A 24 3.84 -10.22 12.41
C GLY A 24 2.53 -10.88 12.05
N CYS A 25 1.56 -10.84 12.97
CA CYS A 25 0.24 -11.33 12.66
C CYS A 25 -0.36 -10.56 11.50
N CYS A 26 -0.98 -11.25 10.56
CA CYS A 26 -1.51 -10.56 9.41
C CYS A 26 -2.98 -10.16 9.63
N VAL A 27 -3.46 -10.34 10.86
CA VAL A 27 -4.83 -9.95 11.15
C VAL A 27 -4.85 -8.68 11.97
N CYS A 28 -4.00 -8.63 13.00
CA CYS A 28 -3.98 -7.51 13.92
C CYS A 28 -2.70 -6.72 13.84
N SER A 29 -1.74 -7.26 13.09
CA SER A 29 -0.41 -6.68 12.86
C SER A 29 0.55 -6.69 14.06
N ASP A 30 0.06 -7.06 15.25
CA ASP A 30 0.91 -7.16 16.43
C ASP A 30 2.06 -8.14 16.13
N GLU A 31 3.26 -7.82 16.60
CA GLU A 31 4.41 -8.68 16.30
C GLU A 31 4.80 -9.53 17.48
N ARG A 32 4.21 -9.25 18.63
CA ARG A 32 4.53 -10.01 19.80
C ARG A 32 3.54 -11.16 20.03
N GLY A 33 4.06 -12.30 20.46
CA GLY A 33 3.22 -13.43 20.81
C GLY A 33 3.01 -13.48 22.32
N TRP A 34 2.20 -14.42 22.79
CA TRP A 34 1.87 -14.48 24.21
C TRP A 34 1.68 -15.92 24.65
N ALA A 35 1.91 -16.18 25.94
CA ALA A 35 1.98 -17.54 26.45
C ALA A 35 0.74 -18.35 26.09
N GLU A 36 -0.44 -17.77 26.30
CA GLU A 36 -1.68 -18.44 25.95
C GLU A 36 -2.35 -17.80 24.73
N ASN A 37 -1.56 -17.11 23.91
CA ASN A 37 -2.03 -16.55 22.65
C ASN A 37 -0.85 -16.37 21.69
N PRO A 38 -0.28 -17.48 21.23
CA PRO A 38 0.98 -17.47 20.48
C PRO A 38 0.77 -17.13 19.03
N LEU A 39 1.81 -16.60 18.40
CA LEU A 39 1.87 -16.49 16.95
C LEU A 39 1.97 -17.91 16.40
N VAL A 40 1.09 -18.23 15.46
CA VAL A 40 1.12 -19.52 14.78
C VAL A 40 1.38 -19.32 13.29
N TYR A 41 2.31 -20.10 12.76
CA TYR A 41 2.77 -19.94 11.40
C TYR A 41 2.34 -21.11 10.53
N CYS A 42 1.84 -20.81 9.34
CA CYS A 42 1.38 -21.87 8.45
C CYS A 42 2.55 -22.46 7.69
N ASP A 43 2.64 -23.78 7.67
CA ASP A 43 3.72 -24.48 7.01
C ASP A 43 3.31 -24.82 5.59
N GLY A 44 2.22 -24.20 5.16
CA GLY A 44 1.71 -24.42 3.83
C GLY A 44 2.75 -24.04 2.81
N HIS A 45 2.99 -24.93 1.85
CA HIS A 45 3.88 -24.62 0.76
C HIS A 45 3.41 -23.35 0.07
N GLY A 46 4.33 -22.38 -0.04
CA GLY A 46 4.04 -21.13 -0.70
C GLY A 46 3.14 -20.19 0.11
N CYS A 47 2.97 -20.49 1.39
CA CYS A 47 2.12 -19.68 2.25
C CYS A 47 2.92 -19.01 3.36
N SER A 48 2.60 -17.73 3.62
CA SER A 48 3.35 -16.94 4.59
C SER A 48 2.42 -16.37 5.63
N VAL A 49 1.25 -16.98 5.77
CA VAL A 49 0.32 -16.62 6.81
C VAL A 49 0.89 -16.87 8.20
N ALA A 50 0.81 -15.82 9.02
CA ALA A 50 1.09 -15.87 10.45
C ALA A 50 -0.05 -15.14 11.16
N VAL A 51 -0.62 -15.81 12.17
CA VAL A 51 -1.74 -15.27 12.93
C VAL A 51 -1.66 -15.68 14.40
N HIS A 52 -2.14 -14.81 15.30
CA HIS A 52 -2.34 -15.21 16.68
C HIS A 52 -3.41 -16.29 16.71
N GLN A 53 -3.30 -17.21 17.67
CA GLN A 53 -4.35 -18.20 17.90
C GLN A 53 -5.71 -17.52 18.00
N ALA A 54 -5.77 -16.43 18.76
CA ALA A 54 -7.03 -15.74 19.01
C ALA A 54 -7.47 -14.87 17.81
N CYS A 55 -6.60 -14.73 16.82
CA CYS A 55 -6.96 -13.91 15.66
C CYS A 55 -7.51 -14.77 14.52
N TYR A 56 -7.45 -16.09 14.67
CA TYR A 56 -7.87 -17.01 13.60
C TYR A 56 -8.79 -18.10 14.16
N GLY A 57 -9.06 -18.06 15.46
CA GLY A 57 -9.91 -19.06 16.08
C GLY A 57 -9.33 -20.47 16.00
N ILE A 58 -8.04 -20.60 16.30
CA ILE A 58 -7.42 -21.91 16.34
C ILE A 58 -7.79 -22.59 17.64
N VAL A 59 -8.40 -23.76 17.55
CA VAL A 59 -8.88 -24.46 18.72
C VAL A 59 -7.72 -24.99 19.58
N GLN A 60 -6.80 -25.68 18.93
CA GLN A 60 -5.62 -26.20 19.62
C GLN A 60 -4.37 -26.11 18.74
N VAL A 61 -3.43 -25.27 19.18
CA VAL A 61 -2.14 -25.12 18.50
C VAL A 61 -1.34 -26.42 18.51
N PRO A 62 -1.05 -26.97 17.33
CA PRO A 62 -0.35 -28.25 17.19
C PRO A 62 1.09 -28.17 17.68
N THR A 63 1.66 -29.31 18.07
CA THR A 63 3.08 -29.38 18.40
C THR A 63 3.82 -29.88 17.17
N GLY A 64 3.59 -29.18 16.07
CA GLY A 64 4.27 -29.46 14.82
C GLY A 64 3.77 -28.53 13.75
N PRO A 65 3.71 -29.02 12.51
CA PRO A 65 3.19 -28.20 11.42
C PRO A 65 1.70 -27.89 11.62
N TRP A 66 1.28 -26.71 11.17
CA TRP A 66 -0.10 -26.27 11.21
C TRP A 66 -0.45 -25.64 9.85
N PHE A 67 -1.67 -25.84 9.38
CA PHE A 67 -2.04 -25.31 8.08
C PHE A 67 -3.27 -24.42 8.13
N CYS A 68 -3.24 -23.29 7.43
CA CYS A 68 -4.38 -22.38 7.45
C CYS A 68 -5.47 -23.03 6.64
N ARG A 69 -6.72 -22.59 6.81
CA ARG A 69 -7.85 -23.20 6.10
C ARG A 69 -7.61 -23.32 4.58
N LYS A 70 -7.07 -22.26 3.99
CA LYS A 70 -6.79 -22.25 2.56
C LYS A 70 -5.84 -23.37 2.12
N CYS A 71 -4.68 -23.46 2.75
CA CYS A 71 -3.73 -24.53 2.49
C CYS A 71 -4.27 -25.94 2.82
N GLU A 72 -5.29 -26.03 3.66
CA GLU A 72 -5.94 -27.32 3.97
C GLU A 72 -6.93 -27.73 2.90
N SER A 73 -7.46 -26.74 2.20
CA SER A 73 -8.44 -26.99 1.17
C SER A 73 -7.83 -27.54 -0.09
N GLN A 74 -8.73 -27.79 -1.03
CA GLN A 74 -8.52 -28.74 -2.09
C GLN A 74 -8.46 -28.01 -3.41
N GLU A 75 -8.06 -26.73 -3.33
CA GLU A 75 -7.87 -25.89 -4.53
C GLU A 75 -6.71 -24.89 -4.41
N ARG A 76 -6.11 -24.58 -5.56
CA ARG A 76 -4.88 -23.78 -5.62
C ARG A 76 -5.17 -22.29 -5.51
N ALA A 77 -4.14 -21.52 -5.16
CA ALA A 77 -4.31 -20.10 -4.82
C ALA A 77 -4.97 -19.28 -5.93
N ALA A 78 -4.82 -19.73 -7.18
CA ALA A 78 -5.41 -19.06 -8.35
C ALA A 78 -6.89 -18.73 -8.18
N ARG A 79 -7.64 -19.66 -7.58
CA ARG A 79 -9.07 -19.46 -7.38
C ARG A 79 -9.37 -18.94 -5.98
N VAL A 80 -8.45 -19.15 -5.04
CA VAL A 80 -8.73 -18.77 -3.67
C VAL A 80 -8.37 -17.32 -3.40
N ARG A 81 -9.35 -16.46 -3.61
CA ARG A 81 -9.24 -15.02 -3.35
C ARG A 81 -10.35 -14.59 -2.35
N CYS A 82 -10.14 -13.45 -1.70
CA CYS A 82 -11.14 -12.91 -0.81
C CYS A 82 -12.33 -12.34 -1.60
N GLU A 83 -13.54 -12.57 -1.14
CA GLU A 83 -14.70 -12.02 -1.83
C GLU A 83 -14.89 -10.53 -1.57
N LEU A 84 -14.13 -9.98 -0.61
CA LEU A 84 -14.42 -8.67 -0.10
C LEU A 84 -13.34 -7.62 -0.46
N CYS A 85 -12.32 -8.03 -1.21
CA CYS A 85 -11.21 -7.13 -1.56
C CYS A 85 -10.32 -7.76 -2.66
N PRO A 86 -9.35 -6.98 -3.20
CA PRO A 86 -8.54 -7.64 -4.25
C PRO A 86 -7.19 -8.24 -3.82
N HIS A 87 -6.85 -8.11 -2.56
CA HIS A 87 -5.64 -8.64 -2.04
C HIS A 87 -5.66 -10.13 -1.84
N LYS A 88 -4.54 -10.75 -2.13
CA LYS A 88 -4.38 -12.17 -2.23
C LYS A 88 -3.75 -12.99 -1.08
N ASP A 89 -2.88 -12.39 -0.32
CA ASP A 89 -2.28 -13.07 0.79
C ASP A 89 -3.21 -12.92 1.96
N GLY A 90 -2.72 -13.15 3.16
CA GLY A 90 -3.49 -12.97 4.35
C GLY A 90 -4.30 -14.15 4.76
N ALA A 91 -4.90 -14.06 5.92
CA ALA A 91 -5.53 -15.18 6.56
C ALA A 91 -6.99 -15.33 6.11
N LEU A 92 -7.30 -16.39 5.37
CA LEU A 92 -8.64 -16.53 4.84
C LEU A 92 -9.46 -17.52 5.64
N LYS A 93 -10.79 -17.36 5.62
CA LYS A 93 -11.75 -18.35 6.12
C LYS A 93 -12.83 -18.61 5.07
N ARG A 94 -13.49 -19.75 5.11
CA ARG A 94 -14.61 -20.01 4.18
C ARG A 94 -15.83 -19.17 4.54
N THR A 95 -16.63 -18.84 3.52
CA THR A 95 -17.83 -18.04 3.71
C THR A 95 -19.08 -18.90 3.63
N ASP A 96 -20.22 -18.26 3.91
CA ASP A 96 -21.57 -18.78 3.63
C ASP A 96 -21.69 -19.48 2.32
N ASN A 97 -21.46 -18.72 1.25
CA ASN A 97 -21.70 -19.18 -0.11
C ASN A 97 -20.57 -20.05 -0.61
N GLY A 98 -19.86 -20.70 0.30
CA GLY A 98 -18.74 -21.54 -0.09
C GLY A 98 -17.61 -20.79 -0.79
N GLY A 99 -17.55 -19.48 -0.57
CA GLY A 99 -16.41 -18.70 -1.01
C GLY A 99 -15.37 -18.57 0.10
N TRP A 100 -14.55 -17.52 -0.03
CA TRP A 100 -13.46 -17.26 0.90
C TRP A 100 -13.44 -15.80 1.29
N ALA A 101 -12.98 -15.51 2.51
CA ALA A 101 -12.83 -14.13 2.91
C ALA A 101 -11.77 -13.93 3.97
N HIS A 102 -11.06 -12.80 3.88
CA HIS A 102 -10.13 -12.40 4.93
C HIS A 102 -10.84 -12.30 6.29
N VAL A 103 -10.18 -12.80 7.32
CA VAL A 103 -10.56 -12.51 8.69
C VAL A 103 -10.61 -10.99 8.94
N VAL A 104 -9.58 -10.25 8.52
CA VAL A 104 -9.54 -8.82 8.81
C VAL A 104 -10.64 -8.06 8.05
N CYS A 105 -10.96 -8.49 6.84
CA CYS A 105 -12.10 -7.91 6.15
C CYS A 105 -13.39 -8.13 6.93
N ALA A 106 -13.58 -9.34 7.45
CA ALA A 106 -14.75 -9.70 8.26
C ALA A 106 -14.85 -8.87 9.55
N LEU A 107 -13.73 -8.61 10.19
CA LEU A 107 -13.72 -7.78 11.38
C LEU A 107 -14.14 -6.33 11.12
N TYR A 108 -13.50 -5.70 10.14
CA TYR A 108 -13.65 -4.25 9.96
C TYR A 108 -14.83 -3.83 9.08
N ILE A 109 -15.47 -4.77 8.39
CA ILE A 109 -16.77 -4.47 7.77
C ILE A 109 -17.87 -4.82 8.75
N PRO A 110 -18.62 -3.80 9.21
CA PRO A 110 -19.50 -3.94 10.38
C PRO A 110 -20.51 -5.08 10.28
N GLU A 111 -21.13 -5.21 9.11
CA GLU A 111 -22.23 -6.15 8.97
C GLU A 111 -21.78 -7.59 8.73
N VAL A 112 -20.51 -7.82 8.43
CA VAL A 112 -20.00 -9.18 8.34
C VAL A 112 -20.03 -9.84 9.70
N GLN A 113 -20.48 -11.09 9.74
CA GLN A 113 -20.58 -11.84 11.00
C GLN A 113 -19.77 -13.14 10.97
N PHE A 114 -19.59 -13.74 12.14
CA PHE A 114 -19.01 -15.09 12.23
C PHE A 114 -20.05 -16.02 12.84
N ALA A 115 -20.18 -17.23 12.28
CA ALA A 115 -21.19 -18.16 12.75
C ALA A 115 -20.83 -18.68 14.11
N ASN A 116 -19.53 -18.88 14.29
CA ASN A 116 -18.99 -19.36 15.54
C ASN A 116 -17.83 -18.47 15.90
N VAL A 117 -17.98 -17.66 16.94
CA VAL A 117 -16.91 -16.71 17.28
C VAL A 117 -15.68 -17.43 17.86
N SER A 118 -15.87 -18.61 18.45
CA SER A 118 -14.72 -19.36 18.96
C SER A 118 -13.81 -19.83 17.84
N THR A 119 -14.36 -20.53 16.86
CA THR A 119 -13.59 -21.04 15.74
C THR A 119 -13.45 -20.02 14.61
N MET A 120 -14.27 -18.96 14.69
CA MET A 120 -14.23 -17.84 13.74
C MET A 120 -14.46 -18.29 12.32
N GLU A 121 -15.35 -19.26 12.14
CA GLU A 121 -15.72 -19.75 10.81
C GLU A 121 -17.10 -20.37 10.85
N PRO A 122 -17.82 -20.40 9.72
CA PRO A 122 -17.50 -19.66 8.50
C PRO A 122 -17.79 -18.18 8.64
N ILE A 123 -17.32 -17.40 7.69
CA ILE A 123 -17.62 -15.99 7.67
C ILE A 123 -18.96 -15.80 7.00
N VAL A 124 -19.83 -15.08 7.69
CA VAL A 124 -21.21 -14.90 7.24
C VAL A 124 -21.41 -13.57 6.50
N LEU A 125 -21.61 -13.65 5.18
CA LEU A 125 -21.78 -12.42 4.39
C LEU A 125 -23.21 -11.95 4.27
N GLN A 126 -24.17 -12.85 4.48
CA GLN A 126 -25.51 -12.64 3.96
C GLN A 126 -26.21 -11.36 4.47
N SER A 127 -25.75 -10.81 5.59
CA SER A 127 -26.32 -9.55 6.08
C SER A 127 -25.57 -8.30 5.60
N VAL A 128 -24.63 -8.47 4.67
CA VAL A 128 -23.91 -7.32 4.14
C VAL A 128 -24.81 -6.56 3.13
N PRO A 129 -25.09 -5.27 3.41
CA PRO A 129 -25.97 -4.45 2.59
C PRO A 129 -25.42 -4.22 1.18
N HIS A 130 -26.32 -4.02 0.23
CA HIS A 130 -25.95 -3.70 -1.14
C HIS A 130 -25.03 -2.47 -1.18
N ASP A 131 -25.27 -1.51 -0.30
CA ASP A 131 -24.45 -0.29 -0.27
C ASP A 131 -22.94 -0.52 0.03
N ARG A 132 -22.54 -1.71 0.43
CA ARG A 132 -21.12 -1.95 0.66
C ARG A 132 -20.45 -2.48 -0.58
N TYR A 133 -21.25 -2.91 -1.54
CA TYR A 133 -20.71 -3.45 -2.78
C TYR A 133 -20.75 -2.43 -3.92
N ASN A 134 -21.42 -1.30 -3.71
CA ASN A 134 -21.47 -0.27 -4.75
C ASN A 134 -20.59 0.95 -4.46
N LYS A 135 -19.38 0.71 -3.98
CA LYS A 135 -18.49 1.80 -3.64
C LYS A 135 -17.20 1.60 -4.43
N THR A 136 -16.37 2.63 -4.49
CA THR A 136 -15.05 2.49 -5.06
C THR A 136 -14.01 2.86 -4.01
N CYS A 137 -13.03 1.98 -3.84
CA CYS A 137 -11.91 2.23 -2.92
C CYS A 137 -11.07 3.40 -3.41
N TYR A 138 -10.96 4.44 -2.59
CA TYR A 138 -10.23 5.64 -2.95
C TYR A 138 -8.72 5.41 -3.01
N ILE A 139 -8.23 4.53 -2.13
CA ILE A 139 -6.83 4.15 -2.13
C ILE A 139 -6.47 3.43 -3.43
N CYS A 140 -7.30 2.46 -3.80
CA CYS A 140 -7.15 1.81 -5.08
C CYS A 140 -7.19 2.81 -6.22
N ASP A 141 -8.14 3.75 -6.15
CA ASP A 141 -8.39 4.67 -7.26
C ASP A 141 -7.26 5.71 -7.40
N GLU A 142 -6.74 6.22 -6.29
CA GLU A 142 -5.59 7.12 -6.33
C GLU A 142 -4.34 6.39 -6.88
N GLN A 143 -4.35 5.06 -6.83
CA GLN A 143 -3.27 4.28 -7.43
C GLN A 143 -3.56 4.05 -8.89
N GLY A 144 -4.74 4.50 -9.31
CA GLY A 144 -5.15 4.38 -10.70
C GLY A 144 -5.63 3.00 -11.08
N ARG A 145 -6.02 2.21 -10.08
CA ARG A 145 -6.52 0.86 -10.32
C ARG A 145 -8.03 0.82 -10.29
N GLU A 146 -8.67 1.14 -11.42
CA GLU A 146 -10.12 1.32 -11.44
C GLU A 146 -10.89 0.00 -11.41
N SER A 147 -10.27 -1.09 -11.88
CA SER A 147 -10.89 -2.41 -11.74
C SER A 147 -10.82 -2.90 -10.30
N LYS A 148 -9.67 -2.74 -9.69
CA LYS A 148 -9.51 -3.19 -8.32
C LYS A 148 -10.39 -2.38 -7.37
N ALA A 149 -10.57 -1.09 -7.68
CA ALA A 149 -11.27 -0.18 -6.79
C ALA A 149 -12.76 -0.53 -6.61
N ALA A 150 -13.30 -1.26 -7.58
CA ALA A 150 -14.73 -1.56 -7.59
C ALA A 150 -14.99 -2.96 -7.08
N THR A 151 -13.91 -3.71 -6.92
CA THR A 151 -13.97 -5.10 -6.46
C THR A 151 -14.38 -5.17 -5.00
N GLY A 152 -15.19 -6.15 -4.64
CA GLY A 152 -15.39 -6.48 -3.25
C GLY A 152 -16.22 -5.49 -2.48
N ALA A 153 -15.95 -5.38 -1.18
CA ALA A 153 -16.70 -4.49 -0.32
C ALA A 153 -15.80 -3.45 0.31
N CYS A 154 -16.36 -2.27 0.55
CA CYS A 154 -15.60 -1.21 1.20
C CYS A 154 -16.12 -0.96 2.59
N MET A 155 -15.23 -0.54 3.47
CA MET A 155 -15.66 0.02 4.73
C MET A 155 -15.71 1.51 4.53
N THR A 156 -16.29 2.23 5.47
CA THR A 156 -16.41 3.66 5.40
C THR A 156 -15.64 4.33 6.52
N CYS A 157 -14.93 5.41 6.18
CA CYS A 157 -14.24 6.22 7.16
C CYS A 157 -15.12 6.50 8.37
N ASN A 158 -14.56 6.31 9.55
CA ASN A 158 -15.33 6.36 10.78
C ASN A 158 -15.51 7.79 11.28
N LYS A 159 -14.86 8.74 10.63
CA LYS A 159 -15.10 10.15 10.93
C LYS A 159 -16.56 10.49 10.69
N HIS A 160 -17.17 11.23 11.62
CA HIS A 160 -18.55 11.65 11.41
C HIS A 160 -18.61 12.60 10.24
N GLY A 161 -19.41 12.26 9.23
CA GLY A 161 -19.61 13.15 8.10
C GLY A 161 -18.86 12.76 6.83
N CYS A 162 -17.64 12.26 7.01
CA CYS A 162 -16.86 11.77 5.90
C CYS A 162 -17.47 10.50 5.33
N ARG A 163 -17.45 10.36 4.01
CA ARG A 163 -18.02 9.18 3.36
C ARG A 163 -16.99 8.52 2.45
N GLN A 164 -15.71 8.69 2.79
CA GLN A 164 -14.63 8.03 2.09
C GLN A 164 -14.73 6.50 2.24
N ALA A 165 -14.53 5.79 1.14
CA ALA A 165 -14.67 4.34 1.14
C ALA A 165 -13.38 3.64 0.68
N PHE A 166 -13.06 2.56 1.37
CA PHE A 166 -11.85 1.84 1.06
C PHE A 166 -11.90 0.40 1.53
N HIS A 167 -11.26 -0.48 0.77
CA HIS A 167 -11.05 -1.87 1.17
C HIS A 167 -10.39 -1.94 2.54
N VAL A 168 -10.82 -2.87 3.37
CA VAL A 168 -10.20 -3.10 4.67
C VAL A 168 -8.72 -3.38 4.52
N THR A 169 -8.38 -4.26 3.57
CA THR A 169 -6.99 -4.62 3.37
C THR A 169 -6.15 -3.44 2.86
N CYS A 170 -6.75 -2.53 2.10
CA CYS A 170 -5.98 -1.38 1.61
C CYS A 170 -5.62 -0.43 2.75
N ALA A 171 -6.56 -0.23 3.67
CA ALA A 171 -6.31 0.66 4.80
C ALA A 171 -5.31 -0.01 5.76
N GLN A 172 -5.31 -1.33 5.77
CA GLN A 172 -4.39 -2.10 6.62
C GLN A 172 -2.94 -1.80 6.25
N PHE A 173 -2.62 -1.83 4.96
CA PHE A 173 -1.24 -1.58 4.52
C PHE A 173 -0.92 -0.10 4.51
N ALA A 174 -1.93 0.74 4.43
CA ALA A 174 -1.73 2.17 4.56
C ALA A 174 -1.64 2.55 6.00
N GLY A 175 -1.89 1.60 6.89
CA GLY A 175 -1.87 1.82 8.32
C GLY A 175 -3.04 2.66 8.79
N LEU A 176 -4.23 2.41 8.26
CA LEU A 176 -5.39 3.26 8.51
C LEU A 176 -6.46 2.56 9.37
N LEU A 177 -6.12 1.36 9.86
CA LEU A 177 -7.03 0.62 10.71
C LEU A 177 -6.69 0.78 12.18
N CYS A 178 -7.70 0.57 13.03
CA CYS A 178 -7.47 0.57 14.46
C CYS A 178 -8.61 -0.06 15.25
N GLU A 179 -8.25 -0.61 16.40
CA GLU A 179 -9.21 -1.22 17.30
C GLU A 179 -9.47 -0.25 18.43
N GLU A 180 -10.65 0.36 18.44
CA GLU A 180 -11.03 1.30 19.49
C GLU A 180 -11.91 0.58 20.52
N GLU A 181 -11.81 0.99 21.79
CA GLU A 181 -12.64 0.43 22.86
C GLU A 181 -14.13 0.70 22.62
N GLY A 182 -14.96 -0.29 22.90
CA GLY A 182 -16.39 -0.15 22.75
C GLY A 182 -17.13 -0.30 24.07
N ASN A 183 -18.41 0.06 24.06
CA ASN A 183 -19.23 -0.09 25.25
C ASN A 183 -19.47 -1.55 25.52
N GLY A 184 -19.21 -1.98 26.74
CA GLY A 184 -19.37 -3.39 27.07
C GLY A 184 -18.12 -3.88 27.76
N ALA A 185 -18.17 -5.11 28.25
CA ALA A 185 -17.06 -5.66 29.01
C ALA A 185 -15.79 -5.57 28.18
N ASP A 186 -15.78 -6.28 27.05
CA ASP A 186 -14.59 -6.36 26.21
C ASP A 186 -14.93 -6.18 24.74
N ASN A 187 -15.95 -5.38 24.47
CA ASN A 187 -16.36 -5.13 23.11
C ASN A 187 -15.36 -4.23 22.41
N VAL A 188 -14.81 -4.71 21.31
CA VAL A 188 -13.97 -3.90 20.45
C VAL A 188 -14.79 -3.38 19.26
N GLN A 189 -14.59 -2.12 18.92
CA GLN A 189 -15.11 -1.57 17.67
C GLN A 189 -13.97 -1.53 16.66
N TYR A 190 -14.06 -2.37 15.64
CA TYR A 190 -13.02 -2.41 14.60
C TYR A 190 -13.33 -1.39 13.52
N CYS A 191 -12.52 -0.34 13.47
CA CYS A 191 -12.79 0.73 12.53
C CYS A 191 -11.57 1.23 11.78
N GLY A 192 -11.77 2.26 10.96
CA GLY A 192 -10.73 2.81 10.13
C GLY A 192 -10.97 4.28 9.81
N TYR A 193 -9.98 4.91 9.19
CA TYR A 193 -10.10 6.33 8.83
C TYR A 193 -9.36 6.60 7.53
N CYS A 194 -9.89 7.49 6.70
CA CYS A 194 -9.20 7.86 5.48
C CYS A 194 -7.97 8.69 5.84
N LYS A 195 -7.11 8.95 4.88
CA LYS A 195 -5.86 9.66 5.15
C LYS A 195 -6.09 11.03 5.80
N TYR A 196 -7.27 11.60 5.57
CA TYR A 196 -7.57 12.95 6.09
C TYR A 196 -7.87 12.97 7.57
N HIS A 197 -8.38 11.84 8.09
CA HIS A 197 -9.04 11.85 9.40
C HIS A 197 -8.46 10.90 10.43
N PHE A 198 -7.28 10.35 10.17
CA PHE A 198 -6.65 9.44 11.14
C PHE A 198 -6.08 10.22 12.36
N SER A 199 -6.63 9.94 13.54
CA SER A 199 -6.33 10.68 14.78
C SER A 199 -6.42 12.18 14.61
N GLU B 20 -4.10 -4.32 -17.86
CA GLU B 20 -3.11 -3.46 -18.47
C GLU B 20 -2.76 -2.24 -17.58
N MET B 21 -2.42 -1.12 -18.21
CA MET B 21 -1.87 0.05 -17.52
C MET B 21 -2.81 0.77 -16.56
N ILE B 22 -2.21 1.50 -15.63
CA ILE B 22 -2.95 2.24 -14.61
C ILE B 22 -3.62 3.49 -15.15
N GLY B 23 -4.58 4.01 -14.38
CA GLY B 23 -5.20 5.30 -14.69
C GLY B 23 -4.25 6.37 -14.19
N GLY B 24 -4.06 7.40 -14.98
CA GLY B 24 -3.19 8.50 -14.58
C GLY B 24 -1.69 8.28 -14.82
N CYS B 25 -0.89 8.86 -13.94
CA CYS B 25 0.56 8.84 -14.02
C CYS B 25 1.21 8.26 -12.76
N CYS B 26 2.31 7.52 -12.91
CA CYS B 26 2.97 6.93 -11.74
C CYS B 26 4.07 7.81 -11.13
N VAL B 27 4.16 9.07 -11.57
CA VAL B 27 5.07 10.03 -10.96
C VAL B 27 4.32 11.18 -10.23
N CYS B 28 3.15 11.55 -10.75
CA CYS B 28 2.35 12.62 -10.14
C CYS B 28 0.89 12.17 -9.97
N SER B 29 0.06 12.99 -9.35
CA SER B 29 -1.35 12.63 -9.12
C SER B 29 -2.38 13.12 -10.18
N ASP B 30 -1.93 13.89 -11.17
CA ASP B 30 -2.86 14.37 -12.21
C ASP B 30 -3.36 13.18 -13.04
N GLU B 31 -4.67 13.09 -13.24
CA GLU B 31 -5.26 11.92 -13.89
C GLU B 31 -5.34 12.04 -15.42
N ARG B 32 -5.38 13.26 -15.94
CA ARG B 32 -5.54 13.46 -17.38
C ARG B 32 -4.21 13.82 -18.03
N GLY B 33 -4.08 13.49 -19.31
CA GLY B 33 -2.98 13.97 -20.11
C GLY B 33 -3.37 15.36 -20.59
N TRP B 34 -2.48 16.03 -21.31
CA TRP B 34 -2.79 17.35 -21.85
C TRP B 34 -2.22 17.49 -23.26
N ALA B 35 -2.69 18.49 -23.99
CA ALA B 35 -2.29 18.65 -25.39
C ALA B 35 -0.78 18.76 -25.55
N GLU B 36 -0.13 19.53 -24.68
CA GLU B 36 1.34 19.67 -24.75
C GLU B 36 2.07 18.84 -23.69
N ASN B 37 1.36 17.92 -23.04
CA ASN B 37 1.96 17.05 -22.03
C ASN B 37 1.19 15.72 -21.91
N PRO B 38 1.36 14.85 -22.90
CA PRO B 38 0.60 13.60 -22.94
C PRO B 38 1.08 12.49 -22.03
N LEU B 39 0.14 11.67 -21.57
CA LEU B 39 0.45 10.43 -20.90
C LEU B 39 1.08 9.48 -21.89
N VAL B 40 2.22 8.92 -21.52
CA VAL B 40 2.94 8.02 -22.40
C VAL B 40 3.08 6.64 -21.74
N TYR B 41 2.85 5.60 -22.53
CA TYR B 41 2.85 4.23 -22.00
C TYR B 41 3.98 3.38 -22.57
N CYS B 42 4.73 2.76 -21.66
CA CYS B 42 5.82 1.89 -22.05
C CYS B 42 5.25 0.62 -22.68
N ASP B 43 5.82 0.20 -23.81
CA ASP B 43 5.33 -0.99 -24.49
C ASP B 43 6.22 -2.18 -24.19
N GLY B 44 7.08 -2.04 -23.20
CA GLY B 44 7.78 -3.17 -22.66
C GLY B 44 6.79 -4.15 -22.09
N HIS B 45 6.93 -5.43 -22.45
CA HIS B 45 5.96 -6.45 -22.03
C HIS B 45 6.00 -6.61 -20.51
N GLY B 46 4.84 -6.46 -19.88
CA GLY B 46 4.71 -6.50 -18.44
C GLY B 46 5.20 -5.26 -17.70
N CYS B 47 5.45 -4.18 -18.43
CA CYS B 47 5.91 -2.94 -17.80
C CYS B 47 4.73 -2.04 -17.45
N SER B 48 4.76 -1.50 -16.24
CA SER B 48 3.64 -0.71 -15.73
C SER B 48 3.87 0.80 -15.80
N VAL B 49 4.89 1.23 -16.54
CA VAL B 49 5.24 2.63 -16.55
C VAL B 49 4.27 3.43 -17.43
N ALA B 50 3.62 4.41 -16.79
CA ALA B 50 2.80 5.40 -17.45
C ALA B 50 3.14 6.76 -16.86
N VAL B 51 3.73 7.63 -17.67
CA VAL B 51 4.21 8.92 -17.17
C VAL B 51 3.80 10.03 -18.13
N HIS B 52 3.55 11.22 -17.58
CA HIS B 52 3.47 12.41 -18.40
C HIS B 52 4.83 12.66 -19.05
N GLN B 53 4.82 13.28 -20.22
CA GLN B 53 6.06 13.69 -20.88
C GLN B 53 6.95 14.52 -19.95
N ALA B 54 6.34 15.50 -19.31
CA ALA B 54 6.98 16.36 -18.35
C ALA B 54 7.31 15.65 -17.02
N CYS B 55 6.77 14.46 -16.81
CA CYS B 55 7.05 13.75 -15.56
C CYS B 55 8.28 12.85 -15.65
N TYR B 56 8.69 12.55 -16.89
CA TYR B 56 9.77 11.61 -17.12
C TYR B 56 10.85 12.25 -17.97
N GLY B 57 10.63 13.49 -18.39
CA GLY B 57 11.56 14.21 -19.24
C GLY B 57 11.77 13.59 -20.62
N ILE B 58 10.69 13.13 -21.24
CA ILE B 58 10.79 12.59 -22.58
C ILE B 58 10.87 13.77 -23.54
N VAL B 59 11.90 13.77 -24.38
CA VAL B 59 12.22 14.92 -25.20
C VAL B 59 11.25 15.07 -26.36
N GLN B 60 11.04 13.98 -27.08
CA GLN B 60 10.05 13.95 -28.12
C GLN B 60 9.26 12.65 -28.06
N VAL B 61 7.95 12.75 -28.00
CA VAL B 61 7.11 11.57 -28.02
C VAL B 61 7.11 10.97 -29.43
N PRO B 62 7.61 9.73 -29.55
CA PRO B 62 7.72 9.10 -30.88
C PRO B 62 6.36 8.69 -31.43
N THR B 63 6.25 8.64 -32.75
CA THR B 63 5.04 8.14 -33.36
C THR B 63 5.21 6.66 -33.55
N GLY B 64 5.24 5.96 -32.44
CA GLY B 64 5.53 4.55 -32.43
C GLY B 64 5.75 4.10 -31.01
N PRO B 65 6.28 2.89 -30.85
CA PRO B 65 6.52 2.31 -29.53
C PRO B 65 7.47 3.20 -28.73
N TRP B 66 7.17 3.37 -27.44
CA TRP B 66 8.09 4.07 -26.54
C TRP B 66 8.45 3.15 -25.38
N PHE B 67 9.70 3.20 -24.94
CA PHE B 67 10.15 2.37 -23.82
C PHE B 67 10.74 3.23 -22.72
N CYS B 68 10.51 2.85 -21.47
CA CYS B 68 11.19 3.53 -20.37
C CYS B 68 12.66 3.14 -20.38
N ARG B 69 13.47 3.90 -19.65
CA ARG B 69 14.90 3.66 -19.63
C ARG B 69 15.21 2.28 -19.06
N LYS B 70 14.33 1.78 -18.20
CA LYS B 70 14.57 0.46 -17.67
C LYS B 70 14.45 -0.59 -18.77
N CYS B 71 13.26 -0.70 -19.38
CA CYS B 71 13.03 -1.68 -20.46
C CYS B 71 13.99 -1.52 -21.64
N GLU B 72 14.34 -0.28 -21.96
CA GLU B 72 15.23 0.03 -23.06
C GLU B 72 16.67 -0.48 -22.89
N SER B 73 17.14 -0.51 -21.65
CA SER B 73 18.52 -0.89 -21.36
C SER B 73 18.74 -2.36 -21.65
N GLN B 74 17.68 -3.13 -21.46
CA GLN B 74 17.68 -4.57 -21.70
C GLN B 74 18.88 -5.23 -21.02
N GLU B 75 19.01 -5.02 -19.70
CA GLU B 75 20.19 -5.53 -19.01
C GLU B 75 19.86 -6.48 -17.88
N ARG B 76 20.82 -7.32 -17.54
CA ARG B 76 20.57 -8.32 -16.52
C ARG B 76 21.78 -8.42 -15.60
N ALA B 77 22.83 -7.67 -15.94
CA ALA B 77 24.02 -7.61 -15.09
C ALA B 77 23.70 -7.08 -13.69
N ALA B 78 23.17 -5.86 -13.64
CA ALA B 78 22.77 -5.26 -12.37
C ALA B 78 21.29 -5.54 -12.14
N ARG B 79 20.91 -5.70 -10.87
CA ARG B 79 19.52 -5.81 -10.48
C ARG B 79 18.87 -4.42 -10.50
N VAL B 80 17.97 -4.19 -11.46
CA VAL B 80 17.38 -2.88 -11.65
C VAL B 80 16.35 -2.55 -10.56
N ARG B 81 16.87 -2.09 -9.43
CA ARG B 81 16.09 -1.67 -8.27
C ARG B 81 16.48 -0.23 -7.92
N CYS B 82 15.63 0.45 -7.17
CA CYS B 82 15.91 1.82 -6.80
C CYS B 82 16.84 1.90 -5.61
N GLU B 83 17.81 2.80 -5.66
CA GLU B 83 18.75 2.96 -4.57
C GLU B 83 18.11 3.65 -3.37
N LEU B 84 16.92 4.20 -3.57
CA LEU B 84 16.32 5.01 -2.52
C LEU B 84 15.11 4.36 -1.83
N CYS B 85 14.71 3.17 -2.30
CA CYS B 85 13.53 2.51 -1.74
C CYS B 85 13.47 1.01 -2.08
N PRO B 86 12.60 0.25 -1.41
CA PRO B 86 12.51 -1.19 -1.71
C PRO B 86 11.45 -1.55 -2.74
N HIS B 87 10.84 -0.55 -3.35
CA HIS B 87 9.79 -0.78 -4.35
C HIS B 87 10.40 -1.08 -5.71
N LYS B 88 9.82 -2.03 -6.41
CA LYS B 88 10.38 -2.54 -7.65
C LYS B 88 9.93 -1.78 -8.90
N ASP B 89 8.74 -1.19 -8.88
CA ASP B 89 8.01 -1.00 -10.15
C ASP B 89 7.70 0.38 -10.73
N GLY B 90 8.25 1.45 -10.23
CA GLY B 90 7.90 2.72 -10.83
C GLY B 90 8.71 3.17 -12.04
N ALA B 91 8.68 4.47 -12.35
CA ALA B 91 9.52 5.05 -13.39
C ALA B 91 10.96 5.25 -12.88
N LEU B 92 11.93 4.64 -13.57
CA LEU B 92 13.32 4.67 -13.15
C LEU B 92 14.25 5.43 -14.10
N LYS B 93 15.27 6.05 -13.52
CA LYS B 93 16.34 6.70 -14.29
C LYS B 93 17.69 6.24 -13.76
N ARG B 94 18.72 6.26 -14.62
CA ARG B 94 20.10 5.94 -14.20
C ARG B 94 20.59 7.02 -13.27
N THR B 95 21.56 6.67 -12.44
CA THR B 95 22.08 7.59 -11.43
C THR B 95 23.55 7.95 -11.65
N ASP B 96 24.01 9.00 -10.99
CA ASP B 96 25.41 9.44 -11.08
C ASP B 96 26.40 8.33 -10.75
N ASN B 97 26.03 7.47 -9.79
CA ASN B 97 26.91 6.40 -9.32
C ASN B 97 26.70 5.05 -10.03
N GLY B 98 26.01 5.10 -11.16
CA GLY B 98 25.83 3.92 -11.99
C GLY B 98 24.74 2.96 -11.57
N GLY B 99 23.76 3.42 -10.80
CA GLY B 99 22.65 2.57 -10.44
C GLY B 99 21.36 3.09 -11.01
N TRP B 100 20.28 2.88 -10.27
CA TRP B 100 18.97 3.32 -10.68
C TRP B 100 18.23 3.99 -9.52
N ALA B 101 17.34 4.91 -9.85
CA ALA B 101 16.48 5.50 -8.83
C ALA B 101 15.16 5.96 -9.45
N HIS B 102 14.10 5.83 -8.67
CA HIS B 102 12.78 6.39 -9.03
C HIS B 102 12.82 7.90 -9.29
N VAL B 103 12.08 8.33 -10.31
CA VAL B 103 11.88 9.75 -10.50
C VAL B 103 11.17 10.35 -9.29
N VAL B 104 10.15 9.67 -8.80
CA VAL B 104 9.37 10.18 -7.69
C VAL B 104 10.24 10.25 -6.43
N CYS B 105 11.16 9.32 -6.29
CA CYS B 105 12.04 9.30 -5.13
C CYS B 105 13.00 10.47 -5.21
N ALA B 106 13.38 10.82 -6.44
CA ALA B 106 14.30 11.92 -6.70
C ALA B 106 13.63 13.30 -6.46
N LEU B 107 12.34 13.39 -6.76
CA LEU B 107 11.63 14.65 -6.59
C LEU B 107 11.34 14.96 -5.11
N TYR B 108 11.02 13.93 -4.34
CA TYR B 108 10.48 14.14 -2.98
C TYR B 108 11.54 14.02 -1.89
N ILE B 109 12.71 13.52 -2.25
CA ILE B 109 13.85 13.67 -1.36
C ILE B 109 14.55 14.98 -1.72
N PRO B 110 14.56 15.92 -0.77
CA PRO B 110 15.00 17.31 -1.01
C PRO B 110 16.38 17.40 -1.63
N GLU B 111 17.31 16.59 -1.14
CA GLU B 111 18.70 16.74 -1.55
C GLU B 111 19.06 16.06 -2.87
N VAL B 112 18.15 15.27 -3.42
CA VAL B 112 18.42 14.66 -4.73
C VAL B 112 18.32 15.71 -5.84
N GLN B 113 19.24 15.62 -6.80
CA GLN B 113 19.29 16.58 -7.89
C GLN B 113 19.22 15.84 -9.21
N PHE B 114 18.94 16.59 -10.27
CA PHE B 114 18.98 16.04 -11.61
C PHE B 114 20.12 16.72 -12.40
N ALA B 115 20.85 15.93 -13.19
CA ALA B 115 21.96 16.48 -13.94
C ALA B 115 21.40 17.43 -14.98
N ASN B 116 20.37 16.99 -15.69
CA ASN B 116 19.69 17.78 -16.72
C ASN B 116 18.20 17.84 -16.45
N VAL B 117 17.68 19.02 -16.09
CA VAL B 117 16.26 19.11 -15.77
C VAL B 117 15.36 18.91 -16.99
N SER B 118 15.88 19.05 -18.20
CA SER B 118 15.03 18.85 -19.37
C SER B 118 14.81 17.37 -19.64
N THR B 119 15.89 16.59 -19.56
CA THR B 119 15.82 15.15 -19.81
C THR B 119 15.56 14.35 -18.54
N MET B 120 15.71 15.04 -17.41
CA MET B 120 15.57 14.44 -16.07
C MET B 120 16.43 13.20 -15.84
N GLU B 121 17.67 13.24 -16.31
CA GLU B 121 18.61 12.14 -16.08
C GLU B 121 20.06 12.61 -16.30
N PRO B 122 21.04 12.01 -15.58
CA PRO B 122 20.87 11.03 -14.51
C PRO B 122 20.35 11.68 -13.24
N ILE B 123 19.86 10.83 -12.36
CA ILE B 123 19.53 11.24 -11.01
C ILE B 123 20.84 11.31 -10.22
N VAL B 124 21.06 12.43 -9.52
CA VAL B 124 22.31 12.69 -8.82
C VAL B 124 22.18 12.46 -7.31
N LEU B 125 22.90 11.50 -6.77
CA LEU B 125 22.73 11.15 -5.35
C LEU B 125 23.81 11.68 -4.44
N GLN B 126 24.88 12.24 -5.01
CA GLN B 126 26.08 12.56 -4.22
C GLN B 126 25.85 13.48 -3.01
N SER B 127 24.82 14.33 -3.06
CA SER B 127 24.56 15.29 -2.00
C SER B 127 23.47 14.84 -1.00
N VAL B 128 23.02 13.61 -1.10
CA VAL B 128 22.09 13.05 -0.11
C VAL B 128 22.85 12.76 1.18
N PRO B 129 22.43 13.35 2.30
CA PRO B 129 23.14 13.28 3.57
C PRO B 129 23.01 11.95 4.26
N HIS B 130 23.99 11.64 5.11
CA HIS B 130 23.98 10.37 5.84
C HIS B 130 22.59 10.17 6.39
N ASP B 131 22.09 11.27 6.96
CA ASP B 131 20.91 11.29 7.78
C ASP B 131 19.61 10.97 7.07
N ARG B 132 19.68 10.63 5.79
CA ARG B 132 18.50 10.15 5.07
C ARG B 132 18.58 8.66 4.88
N TYR B 133 19.72 8.09 5.25
CA TYR B 133 19.96 6.67 5.07
C TYR B 133 19.94 5.95 6.41
N ASN B 134 19.74 6.67 7.50
CA ASN B 134 19.71 6.02 8.83
C ASN B 134 18.34 6.16 9.48
N LYS B 135 17.30 6.19 8.65
CA LYS B 135 15.94 6.28 9.15
C LYS B 135 15.22 4.95 8.98
N THR B 136 14.11 4.82 9.68
CA THR B 136 13.21 3.69 9.49
C THR B 136 11.89 4.18 8.92
N CYS B 137 11.49 3.62 7.77
CA CYS B 137 10.18 3.96 7.19
C CYS B 137 9.08 3.45 8.11
N TYR B 138 8.34 4.36 8.70
CA TYR B 138 7.29 3.95 9.62
C TYR B 138 6.20 3.09 8.91
N ILE B 139 6.01 3.28 7.61
CA ILE B 139 5.02 2.51 6.86
C ILE B 139 5.47 1.07 6.66
N CYS B 140 6.73 0.86 6.28
CA CYS B 140 7.29 -0.49 6.20
C CYS B 140 7.32 -1.11 7.59
N ASP B 141 7.54 -0.26 8.60
CA ASP B 141 7.66 -0.72 9.96
C ASP B 141 6.31 -1.18 10.53
N GLU B 142 5.24 -0.45 10.19
CA GLU B 142 3.92 -0.81 10.68
C GLU B 142 3.39 -2.07 10.01
N GLN B 143 3.86 -2.34 8.81
CA GLN B 143 3.52 -3.58 8.12
C GLN B 143 4.36 -4.72 8.67
N GLY B 144 5.27 -4.38 9.56
CA GLY B 144 6.16 -5.34 10.20
C GLY B 144 7.23 -5.81 9.24
N ARG B 145 7.73 -4.89 8.42
CA ARG B 145 8.79 -5.21 7.46
C ARG B 145 10.06 -4.46 7.86
N GLU B 146 10.78 -5.01 8.83
CA GLU B 146 11.86 -4.26 9.46
C GLU B 146 13.09 -4.13 8.57
N SER B 147 13.30 -5.12 7.73
CA SER B 147 14.39 -5.14 6.77
C SER B 147 14.16 -4.10 5.67
N LYS B 148 12.99 -4.17 5.05
CA LYS B 148 12.59 -3.20 4.03
C LYS B 148 12.54 -1.79 4.61
N ALA B 149 12.27 -1.69 5.92
CA ALA B 149 12.13 -0.38 6.56
C ALA B 149 13.44 0.40 6.65
N ALA B 150 14.56 -0.33 6.63
CA ALA B 150 15.85 0.30 6.82
C ALA B 150 16.61 0.41 5.50
N THR B 151 16.01 -0.16 4.45
CA THR B 151 16.57 -0.06 3.10
C THR B 151 16.42 1.36 2.51
N GLY B 152 17.28 1.69 1.54
CA GLY B 152 17.24 2.99 0.86
C GLY B 152 17.16 4.22 1.75
N ALA B 153 16.39 5.21 1.30
CA ALA B 153 16.31 6.51 1.96
C ALA B 153 14.91 6.86 2.41
N CYS B 154 14.80 7.75 3.39
CA CYS B 154 13.50 8.23 3.84
C CYS B 154 13.35 9.72 3.75
N MET B 155 12.13 10.15 3.45
CA MET B 155 11.79 11.55 3.58
C MET B 155 11.16 11.78 4.94
N THR B 156 11.03 13.04 5.30
CA THR B 156 10.45 13.38 6.58
C THR B 156 9.16 14.15 6.38
N CYS B 157 8.18 13.80 7.21
CA CYS B 157 6.93 14.53 7.29
C CYS B 157 7.18 16.01 7.37
N ASN B 158 6.51 16.77 6.52
CA ASN B 158 6.73 18.21 6.42
C ASN B 158 5.91 19.01 7.44
N LYS B 159 5.26 18.32 8.37
CA LYS B 159 4.56 19.01 9.46
C LYS B 159 5.58 19.48 10.49
N HIS B 160 5.52 20.75 10.89
CA HIS B 160 6.48 21.29 11.85
C HIS B 160 6.53 20.42 13.10
N GLY B 161 7.73 20.04 13.52
CA GLY B 161 7.90 19.27 14.72
C GLY B 161 7.85 17.78 14.49
N CYS B 162 7.12 17.34 13.48
CA CYS B 162 6.98 15.91 13.26
C CYS B 162 8.27 15.33 12.70
N ARG B 163 8.70 14.21 13.27
CA ARG B 163 9.96 13.57 12.84
C ARG B 163 9.71 12.20 12.21
N GLN B 164 8.48 11.95 11.79
CA GLN B 164 8.13 10.69 11.16
C GLN B 164 8.85 10.53 9.80
N ALA B 165 9.43 9.36 9.55
CA ALA B 165 10.13 9.13 8.29
C ALA B 165 9.51 7.98 7.50
N PHE B 166 9.58 8.11 6.17
CA PHE B 166 9.03 7.09 5.29
C PHE B 166 9.65 7.16 3.91
N HIS B 167 9.69 6.01 3.23
CA HIS B 167 10.02 5.98 1.81
C HIS B 167 9.04 6.83 1.02
N VAL B 168 9.60 7.64 0.14
CA VAL B 168 8.83 8.32 -0.90
C VAL B 168 7.79 7.40 -1.49
N THR B 169 8.25 6.21 -1.85
CA THR B 169 7.51 5.33 -2.71
C THR B 169 6.39 4.70 -1.88
N CYS B 170 6.63 4.54 -0.58
CA CYS B 170 5.59 4.04 0.32
C CYS B 170 4.50 5.09 0.56
N ALA B 171 4.90 6.34 0.73
CA ALA B 171 3.95 7.43 0.88
C ALA B 171 3.03 7.54 -0.35
N GLN B 172 3.59 7.32 -1.53
CA GLN B 172 2.83 7.44 -2.77
C GLN B 172 1.65 6.45 -2.76
N PHE B 173 1.96 5.20 -2.50
CA PHE B 173 0.98 4.13 -2.42
C PHE B 173 -0.07 4.38 -1.32
N ALA B 174 0.31 5.15 -0.32
CA ALA B 174 -0.60 5.47 0.77
C ALA B 174 -1.30 6.81 0.53
N GLY B 175 -1.05 7.41 -0.64
CA GLY B 175 -1.66 8.67 -1.03
C GLY B 175 -1.25 9.85 -0.16
N LEU B 176 -0.02 9.82 0.34
CA LEU B 176 0.44 10.81 1.31
C LEU B 176 1.42 11.86 0.76
N LEU B 177 1.61 11.87 -0.56
CA LEU B 177 2.45 12.87 -1.19
C LEU B 177 1.63 14.06 -1.67
N CYS B 178 2.28 15.21 -1.84
CA CYS B 178 1.69 16.32 -2.57
C CYS B 178 2.69 17.36 -3.09
N GLU B 179 2.21 18.19 -4.01
CA GLU B 179 2.97 19.25 -4.60
C GLU B 179 2.53 20.58 -4.01
N GLU B 180 3.45 21.26 -3.34
CA GLU B 180 3.15 22.55 -2.74
C GLU B 180 3.90 23.66 -3.45
N GLU B 181 3.26 24.82 -3.58
CA GLU B 181 3.82 25.95 -4.31
C GLU B 181 5.15 26.44 -3.70
N ALA B 185 6.37 31.56 -10.02
CA ALA B 185 5.76 31.00 -11.22
C ALA B 185 5.49 29.55 -10.96
N ASP B 186 6.50 28.72 -11.12
CA ASP B 186 6.40 27.37 -10.58
C ASP B 186 7.65 26.88 -9.95
N ASN B 187 7.81 27.22 -8.68
CA ASN B 187 8.85 26.49 -8.01
C ASN B 187 8.01 25.65 -7.08
N VAL B 188 8.22 24.36 -7.12
CA VAL B 188 7.37 23.46 -6.39
C VAL B 188 8.09 22.74 -5.29
N GLN B 189 7.49 22.70 -4.13
CA GLN B 189 8.05 21.90 -3.06
C GLN B 189 7.40 20.53 -3.13
N TYR B 190 8.18 19.51 -3.44
CA TYR B 190 7.65 18.16 -3.47
C TYR B 190 7.83 17.57 -2.10
N CYS B 191 6.72 17.39 -1.40
CA CYS B 191 6.76 16.97 -0.01
C CYS B 191 5.65 15.99 0.31
N GLY B 192 5.55 15.63 1.59
CA GLY B 192 4.59 14.65 2.03
C GLY B 192 4.40 14.67 3.52
N TYR B 193 3.32 14.01 3.97
CA TYR B 193 2.92 14.01 5.36
C TYR B 193 2.56 12.61 5.81
N CYS B 194 2.81 12.31 7.08
CA CYS B 194 2.46 11.00 7.64
C CYS B 194 0.94 10.92 7.80
N LYS B 195 0.41 9.71 7.99
CA LYS B 195 -1.02 9.49 8.14
C LYS B 195 -1.69 10.34 9.22
N TYR B 196 -0.89 10.96 10.07
CA TYR B 196 -1.40 11.78 11.17
C TYR B 196 -1.62 13.22 10.75
N HIS B 197 -0.91 13.69 9.73
CA HIS B 197 -0.86 15.11 9.43
C HIS B 197 -1.18 15.40 7.98
N PHE B 198 -1.78 14.44 7.28
CA PHE B 198 -2.23 14.71 5.93
C PHE B 198 -3.65 15.27 5.99
N SER B 199 -3.77 16.58 5.84
CA SER B 199 -5.04 17.26 6.14
C SER B 199 -5.81 17.80 4.94
N LYS B 200 -6.69 18.76 5.24
CA LYS B 200 -7.66 19.41 4.32
C LYS B 200 -7.17 19.69 2.89
N LEU B 201 -7.86 19.12 1.92
CA LEU B 201 -7.65 19.47 0.52
C LEU B 201 -8.55 20.63 0.09
N LYS B 202 -8.96 21.48 1.05
CA LYS B 202 -9.75 22.66 0.74
C LYS B 202 -8.85 23.64 0.00
N LYS B 203 -9.28 24.12 -1.16
CA LYS B 203 -8.38 24.91 -1.97
C LYS B 203 -9.03 26.15 -2.57
N LEU C 2 6.22 21.08 -21.67
CA LEU C 2 6.56 22.26 -20.88
C LEU C 2 7.77 22.02 -19.97
N ALA C 3 7.83 22.81 -18.91
CA ALA C 3 8.81 22.65 -17.87
C ALA C 3 8.55 21.31 -17.15
N THR C 4 9.62 20.54 -16.96
CA THR C 4 9.50 19.23 -16.36
C THR C 4 9.33 19.34 -14.86
N LYS C 5 8.93 18.26 -14.20
CA LYS C 5 8.82 18.24 -12.74
C LYS C 5 10.19 18.53 -12.09
N ALA C 6 11.25 17.99 -12.68
CA ALA C 6 12.59 18.27 -12.22
C ALA C 6 12.92 19.76 -12.24
N ALA C 7 12.53 20.46 -13.30
CA ALA C 7 12.91 21.87 -13.45
C ALA C 7 12.20 22.75 -12.45
N ARG C 8 11.04 22.34 -11.96
CA ARG C 8 10.32 23.15 -11.00
C ARG C 8 10.64 22.87 -9.55
N LYS C 9 11.54 21.95 -9.29
CA LYS C 9 11.91 21.61 -7.92
C LYS C 9 12.70 22.70 -7.21
N SER C 10 12.16 23.20 -6.11
CA SER C 10 12.80 24.23 -5.27
C SER C 10 13.86 23.63 -4.34
N LEU D 2 -9.24 -17.81 25.98
CA LEU D 2 -8.97 -16.44 25.51
C LEU D 2 -9.94 -16.07 24.40
N ALA D 3 -10.71 -15.01 24.64
CA ALA D 3 -11.70 -14.58 23.69
C ALA D 3 -11.04 -14.18 22.36
N THR D 4 -11.61 -14.66 21.27
CA THR D 4 -11.10 -14.36 19.94
C THR D 4 -11.48 -12.95 19.55
N LYS D 5 -10.84 -12.45 18.48
CA LYS D 5 -11.18 -11.16 17.87
C LYS D 5 -12.65 -11.10 17.47
N ALA D 6 -13.17 -12.23 16.99
CA ALA D 6 -14.55 -12.29 16.53
C ALA D 6 -15.51 -12.14 17.71
N ALA D 7 -15.20 -12.77 18.84
CA ALA D 7 -16.08 -12.73 19.99
C ALA D 7 -16.16 -11.34 20.59
N ARG D 8 -15.18 -10.50 20.28
CA ARG D 8 -15.11 -9.16 20.85
C ARG D 8 -15.80 -8.14 19.93
N LYS D 9 -16.05 -8.53 18.68
CA LYS D 9 -16.66 -7.59 17.73
C LYS D 9 -18.04 -7.10 18.15
N SER D 10 -18.23 -5.79 18.07
CA SER D 10 -19.53 -5.16 18.28
C SER D 10 -20.45 -5.36 17.06
#